data_8EZS
#
_entry.id   8EZS
#
_cell.length_a   44.854
_cell.length_b   44.854
_cell.length_c   392.053
_cell.angle_alpha   90.000
_cell.angle_beta   90.000
_cell.angle_gamma   90.000
#
_symmetry.space_group_name_H-M   'P 41 21 2'
#
loop_
_entity.id
_entity.type
_entity.pdbx_description
1 polymer HipS(Lp)
2 polymer HipT(Lp)
3 non-polymer 'CHLORIDE ION'
4 water water
#
loop_
_entity_poly.entity_id
_entity_poly.type
_entity_poly.pdbx_seq_one_letter_code
_entity_poly.pdbx_strand_id
1 'polypeptide(L)'
;(MSE)RKAYVSVSGIKAGILEELQGGTYQFTYFEDYHGAPVSLT(MSE)PLKNKVYDFDVFPPFFEGLLPEGI(MSE)LE
ALLRKYKIDKNDYFGQLILVGQDVVGAVTIEEIR
;
A
2 'polypeptide(L)'
;(MSE)KHCPITYEKISDQENYSQRGLHLLSPQLKNLSPLDLSADEQRQEAIARVGK(MSE)SVQGVQKKLSAKLKIKEGC
FEIVDQYGQYILKPQSDIYPELPENEAIT(MSE)TLAKTIGLEVPVHGLVYSKDNSLTYFIKRFDRIGHNKKLALEDFAQ
LSGEDRHTKYKSS(MSE)EKVIAVIEQFCTFPKIEFVKLFKLTLFNFLVGNED(MSE)HLKNFSLITKDRKISISPAYDL
LNSTIAQKNTKEELALPLKGKKNNLTKSDFLKYFAIEKLGLNQNVIDGIVQEFHQVIPKWQELIGFSFLSQE(MSE)QEK
YLELLEQRCKRLNFFD
;
B
#
loop_
_chem_comp.id
_chem_comp.type
_chem_comp.name
_chem_comp.formula
CL non-polymer 'CHLORIDE ION' 'Cl -1'
#
# COMPACT_ATOMS: atom_id res chain seq x y z
N MSE A 1 -15.43 -29.33 9.47
CA MSE A 1 -14.91 -29.10 8.13
C MSE A 1 -13.47 -28.61 8.17
O MSE A 1 -12.60 -29.23 8.78
CB MSE A 1 -15.79 -28.11 7.36
CG MSE A 1 -17.16 -28.65 7.02
SE MSE A 1 -18.28 -27.35 6.11
CE MSE A 1 -17.93 -25.81 7.25
N ARG A 2 -13.21 -27.48 7.51
CA ARG A 2 -11.85 -26.96 7.38
C ARG A 2 -11.55 -25.97 8.50
N LYS A 3 -10.45 -26.21 9.22
CA LYS A 3 -9.99 -25.33 10.28
C LYS A 3 -8.51 -25.05 10.08
N ALA A 4 -8.04 -23.96 10.67
CA ALA A 4 -6.65 -23.54 10.47
C ALA A 4 -6.15 -22.80 11.71
N TYR A 5 -4.92 -23.11 12.11
CA TYR A 5 -4.23 -22.34 13.13
C TYR A 5 -3.93 -20.93 12.62
N VAL A 6 -4.01 -19.96 13.53
CA VAL A 6 -3.65 -18.58 13.23
C VAL A 6 -2.60 -18.15 14.23
N SER A 7 -1.38 -17.92 13.76
CA SER A 7 -0.25 -17.56 14.60
C SER A 7 0.13 -16.10 14.36
N VAL A 8 0.66 -15.47 15.40
CA VAL A 8 1.14 -14.09 15.33
C VAL A 8 2.60 -14.10 15.74
N SER A 9 3.49 -13.76 14.79
CA SER A 9 4.93 -13.74 15.04
C SER A 9 5.42 -15.08 15.56
N GLY A 10 4.89 -16.17 15.00
CA GLY A 10 5.26 -17.51 15.38
C GLY A 10 4.41 -18.10 16.50
N ILE A 11 3.92 -17.27 17.41
CA ILE A 11 3.14 -17.75 18.54
C ILE A 11 1.71 -17.99 18.09
N LYS A 12 1.19 -19.19 18.38
CA LYS A 12 -0.18 -19.52 18.03
C LYS A 12 -1.15 -18.61 18.77
N ALA A 13 -2.02 -17.93 18.02
CA ALA A 13 -2.98 -16.99 18.59
C ALA A 13 -4.39 -17.54 18.69
N GLY A 14 -4.87 -18.20 17.65
CA GLY A 14 -6.22 -18.72 17.68
C GLY A 14 -6.49 -19.67 16.55
N ILE A 15 -7.78 -19.92 16.32
CA ILE A 15 -8.24 -20.85 15.30
C ILE A 15 -9.28 -20.15 14.44
N LEU A 16 -9.09 -20.20 13.13
CA LEU A 16 -10.09 -19.72 12.17
C LEU A 16 -10.85 -20.93 11.64
N GLU A 17 -12.17 -20.91 11.80
CA GLU A 17 -13.02 -22.05 11.52
C GLU A 17 -13.98 -21.73 10.40
N GLU A 18 -13.94 -22.54 9.34
CA GLU A 18 -15.01 -22.52 8.35
C GLU A 18 -16.25 -23.18 8.95
N LEU A 19 -17.35 -22.45 8.98
CA LEU A 19 -18.56 -22.90 9.65
C LEU A 19 -19.65 -23.25 8.63
N GLN A 20 -20.69 -23.91 9.14
CA GLN A 20 -21.74 -24.44 8.27
C GLN A 20 -22.44 -23.33 7.51
N GLY A 21 -22.89 -23.65 6.31
CA GLY A 21 -23.48 -22.67 5.43
C GLY A 21 -22.43 -21.87 4.67
N GLY A 22 -22.13 -20.68 5.18
CA GLY A 22 -21.10 -19.85 4.57
C GLY A 22 -20.43 -18.95 5.60
N THR A 23 -20.72 -19.21 6.87
CA THR A 23 -20.19 -18.38 7.95
C THR A 23 -18.79 -18.82 8.34
N TYR A 24 -18.09 -17.94 9.04
CA TYR A 24 -16.75 -18.21 9.55
C TYR A 24 -16.65 -17.68 10.97
N GLN A 25 -15.74 -18.27 11.75
CA GLN A 25 -15.59 -17.92 13.15
C GLN A 25 -14.12 -18.01 13.53
N PHE A 26 -13.62 -16.97 14.21
CA PHE A 26 -12.27 -16.97 14.76
C PHE A 26 -12.37 -16.97 16.28
N THR A 27 -11.58 -17.83 16.92
CA THR A 27 -11.58 -17.97 18.37
C THR A 27 -10.16 -17.82 18.89
N TYR A 28 -9.95 -16.87 19.80
CA TYR A 28 -8.65 -16.69 20.41
C TYR A 28 -8.37 -17.81 21.42
N PHE A 29 -7.12 -18.27 21.44
CA PHE A 29 -6.71 -19.20 22.49
C PHE A 29 -6.61 -18.45 23.81
N GLU A 30 -7.17 -19.06 24.87
CA GLU A 30 -7.12 -18.42 26.18
C GLU A 30 -5.68 -18.17 26.63
N ASP A 31 -4.76 -19.04 26.25
CA ASP A 31 -3.36 -18.84 26.61
C ASP A 31 -2.78 -17.61 25.94
N TYR A 32 -3.20 -17.33 24.70
CA TYR A 32 -2.60 -16.25 23.94
C TYR A 32 -2.84 -14.90 24.62
N HIS A 33 -1.79 -14.06 24.64
CA HIS A 33 -1.92 -12.77 25.31
C HIS A 33 -1.01 -11.69 24.74
N GLY A 34 -0.53 -11.82 23.50
CA GLY A 34 0.38 -10.83 22.96
C GLY A 34 -0.34 -9.68 22.26
N ALA A 35 -0.11 -9.55 20.95
CA ALA A 35 -0.73 -8.54 20.11
C ALA A 35 -1.92 -9.13 19.35
N PRO A 36 -2.93 -8.33 19.03
CA PRO A 36 -4.11 -8.88 18.34
C PRO A 36 -3.77 -9.29 16.92
N VAL A 37 -4.48 -10.31 16.44
CA VAL A 37 -4.34 -10.74 15.05
C VAL A 37 -4.64 -9.58 14.11
N SER A 38 -5.68 -8.83 14.41
CA SER A 38 -6.05 -7.63 13.66
C SER A 38 -6.49 -6.56 14.64
N LEU A 39 -6.29 -5.30 14.25
CA LEU A 39 -6.76 -4.19 15.08
C LEU A 39 -8.27 -4.20 15.22
N THR A 40 -8.99 -4.81 14.27
CA THR A 40 -10.43 -4.99 14.38
C THR A 40 -10.81 -6.14 15.31
N MSE A 41 -9.82 -6.86 15.85
CA MSE A 41 -10.07 -7.95 16.77
C MSE A 41 -9.26 -7.83 18.06
O MSE A 41 -8.27 -8.55 18.24
CB MSE A 41 -9.73 -9.28 16.11
CG MSE A 41 -10.51 -9.58 14.84
SE MSE A 41 -9.72 -11.12 13.94
CE MSE A 41 -11.24 -11.68 12.89
N PRO A 42 -9.65 -6.91 18.94
CA PRO A 42 -8.94 -6.79 20.22
C PRO A 42 -9.04 -8.07 21.04
N LEU A 43 -8.08 -8.23 21.95
CA LEU A 43 -8.06 -9.41 22.83
C LEU A 43 -9.17 -9.39 23.87
N LYS A 44 -9.86 -8.25 24.05
CA LYS A 44 -10.95 -8.20 25.02
C LYS A 44 -12.12 -9.11 24.62
N ASN A 45 -12.26 -9.43 23.34
CA ASN A 45 -13.19 -10.44 22.87
C ASN A 45 -12.40 -11.64 22.35
N LYS A 46 -12.86 -12.84 22.70
CA LYS A 46 -12.19 -14.06 22.29
C LYS A 46 -12.83 -14.74 21.09
N VAL A 47 -14.05 -14.34 20.72
CA VAL A 47 -14.80 -15.00 19.66
C VAL A 47 -15.29 -13.93 18.69
N TYR A 48 -15.12 -14.18 17.39
CA TYR A 48 -15.57 -13.26 16.35
C TYR A 48 -16.27 -14.05 15.25
N ASP A 49 -17.51 -13.68 14.93
CA ASP A 49 -18.31 -14.35 13.93
C ASP A 49 -18.38 -13.51 12.66
N PHE A 50 -18.58 -14.18 11.52
CA PHE A 50 -18.63 -13.50 10.23
C PHE A 50 -19.63 -14.22 9.33
N ASP A 51 -20.42 -13.42 8.59
CA ASP A 51 -21.35 -13.98 7.63
C ASP A 51 -20.66 -14.34 6.32
N VAL A 52 -19.54 -13.69 6.03
CA VAL A 52 -18.72 -13.99 4.85
C VAL A 52 -17.31 -14.27 5.31
N PHE A 53 -16.39 -14.42 4.37
CA PHE A 53 -14.98 -14.55 4.72
C PHE A 53 -14.52 -13.25 5.39
N PRO A 54 -13.90 -13.31 6.56
CA PRO A 54 -13.57 -12.09 7.29
C PRO A 54 -12.66 -11.21 6.46
N PRO A 55 -12.80 -9.88 6.60
CA PRO A 55 -12.06 -8.98 5.70
C PRO A 55 -10.57 -8.94 5.97
N PHE A 56 -10.15 -9.19 7.21
CA PHE A 56 -8.72 -9.21 7.50
C PHE A 56 -8.04 -10.36 6.77
N PHE A 57 -8.60 -11.57 6.87
CA PHE A 57 -8.00 -12.72 6.20
C PHE A 57 -8.14 -12.65 4.69
N GLU A 58 -9.19 -11.98 4.19
CA GLU A 58 -9.28 -11.77 2.75
C GLU A 58 -8.22 -10.80 2.27
N GLY A 59 -7.81 -9.85 3.11
CA GLY A 59 -6.80 -8.88 2.74
C GLY A 59 -5.39 -9.43 2.63
N LEU A 60 -5.19 -10.70 3.00
CA LEU A 60 -3.88 -11.33 2.88
C LEU A 60 -3.71 -12.08 1.56
N LEU A 61 -4.76 -12.19 0.75
CA LEU A 61 -4.70 -12.95 -0.48
C LEU A 61 -4.04 -12.13 -1.59
N PRO A 62 -3.46 -12.81 -2.59
CA PRO A 62 -2.86 -12.08 -3.72
C PRO A 62 -3.90 -11.30 -4.50
N GLU A 63 -3.42 -10.42 -5.37
CA GLU A 63 -4.28 -9.53 -6.13
C GLU A 63 -3.76 -9.39 -7.55
N GLY A 64 -4.69 -9.17 -8.48
CA GLY A 64 -4.31 -8.85 -9.85
C GLY A 64 -3.56 -9.98 -10.52
N ILE A 65 -2.38 -9.64 -11.05
CA ILE A 65 -1.58 -10.61 -11.78
C ILE A 65 -1.11 -11.73 -10.84
N MSE A 66 -0.76 -11.39 -9.61
CA MSE A 66 -0.23 -12.37 -8.67
C MSE A 66 -1.30 -13.36 -8.22
O MSE A 66 -0.97 -14.46 -7.76
CB MSE A 66 0.39 -11.68 -7.45
CG MSE A 66 1.51 -10.72 -7.82
SE MSE A 66 3.00 -11.57 -8.77
CE MSE A 66 3.11 -13.26 -7.78
N LEU A 67 -2.57 -12.99 -8.35
CA LEU A 67 -3.63 -13.94 -8.10
C LEU A 67 -3.77 -14.92 -9.25
N GLU A 68 -3.59 -14.46 -10.49
CA GLU A 68 -3.59 -15.37 -11.63
C GLU A 68 -2.39 -16.30 -11.60
N ALA A 69 -1.26 -15.82 -11.07
CA ALA A 69 -0.09 -16.69 -10.92
C ALA A 69 -0.36 -17.80 -9.91
N LEU A 70 -1.16 -17.52 -8.88
CA LEU A 70 -1.49 -18.54 -7.90
C LEU A 70 -2.46 -19.56 -8.47
N LEU A 71 -3.49 -19.08 -9.19
CA LEU A 71 -4.53 -19.96 -9.70
C LEU A 71 -4.02 -20.90 -10.78
N ARG A 72 -2.88 -20.60 -11.40
CA ARG A 72 -2.28 -21.50 -12.37
C ARG A 72 -1.18 -22.36 -11.78
N LYS A 73 -0.80 -22.12 -10.52
CA LYS A 73 0.16 -22.96 -9.81
C LYS A 73 -0.51 -24.03 -8.95
N TYR A 74 -1.68 -23.74 -8.39
CA TYR A 74 -2.40 -24.66 -7.53
C TYR A 74 -3.70 -25.12 -8.19
N LYS A 75 -4.16 -26.31 -7.81
CA LYS A 75 -5.47 -26.81 -8.24
C LYS A 75 -6.50 -26.37 -7.21
N ILE A 76 -6.93 -25.12 -7.33
CA ILE A 76 -7.87 -24.53 -6.39
C ILE A 76 -8.81 -23.60 -7.14
N ASP A 77 -10.05 -23.50 -6.66
CA ASP A 77 -11.06 -22.69 -7.31
C ASP A 77 -10.81 -21.21 -7.06
N LYS A 78 -11.21 -20.39 -8.03
CA LYS A 78 -10.95 -18.96 -7.99
C LYS A 78 -11.74 -18.24 -6.90
N ASN A 79 -12.76 -18.87 -6.33
CA ASN A 79 -13.57 -18.25 -5.29
C ASN A 79 -13.34 -18.86 -3.91
N ASP A 80 -12.52 -19.89 -3.81
CA ASP A 80 -12.23 -20.54 -2.53
C ASP A 80 -11.19 -19.70 -1.80
N TYR A 81 -11.67 -18.69 -1.06
CA TYR A 81 -10.76 -17.79 -0.37
C TYR A 81 -10.06 -18.48 0.80
N PHE A 82 -10.78 -19.35 1.51
CA PHE A 82 -10.17 -20.06 2.63
C PHE A 82 -9.10 -21.03 2.12
N GLY A 83 -9.39 -21.76 1.04
CA GLY A 83 -8.40 -22.66 0.49
C GLY A 83 -7.15 -21.95 -0.01
N GLN A 84 -7.33 -20.80 -0.68
CA GLN A 84 -6.18 -20.04 -1.15
C GLN A 84 -5.37 -19.49 0.02
N LEU A 85 -6.04 -19.14 1.12
CA LEU A 85 -5.36 -18.61 2.30
C LEU A 85 -4.43 -19.65 2.91
N ILE A 86 -4.86 -20.91 2.95
CA ILE A 86 -4.03 -21.99 3.47
C ILE A 86 -2.80 -22.20 2.61
N LEU A 87 -2.92 -21.96 1.31
CA LEU A 87 -1.78 -22.18 0.42
C LEU A 87 -0.69 -21.14 0.60
N VAL A 88 -1.06 -19.92 0.98
CA VAL A 88 -0.09 -18.84 1.18
C VAL A 88 0.13 -18.53 2.65
N GLY A 89 -0.54 -19.23 3.56
CA GLY A 89 -0.50 -18.88 4.97
C GLY A 89 0.88 -18.89 5.58
N GLN A 90 1.83 -19.60 4.96
CA GLN A 90 3.18 -19.65 5.51
C GLN A 90 3.90 -18.31 5.42
N ASP A 91 3.43 -17.39 4.59
CA ASP A 91 4.10 -16.09 4.44
C ASP A 91 3.11 -15.12 3.79
N VAL A 92 2.60 -14.17 4.57
CA VAL A 92 1.76 -13.09 4.05
C VAL A 92 2.28 -11.76 4.59
N VAL A 93 1.55 -10.67 4.30
CA VAL A 93 2.09 -9.33 4.53
C VAL A 93 2.26 -9.06 6.02
N GLY A 94 1.26 -9.40 6.83
CA GLY A 94 1.31 -9.12 8.25
C GLY A 94 2.28 -10.01 9.00
N ALA A 95 2.26 -9.86 10.33
CA ALA A 95 2.97 -10.77 11.22
C ALA A 95 2.18 -12.04 11.51
N VAL A 96 1.11 -12.28 10.75
CA VAL A 96 0.17 -13.37 10.97
C VAL A 96 0.48 -14.49 9.98
N THR A 97 0.42 -15.73 10.44
CA THR A 97 0.60 -16.90 9.59
C THR A 97 -0.52 -17.90 9.88
N ILE A 98 -0.96 -18.60 8.84
CA ILE A 98 -2.05 -19.58 8.93
C ILE A 98 -1.51 -20.94 8.50
N GLU A 99 -1.81 -21.98 9.27
CA GLU A 99 -1.48 -23.36 8.92
C GLU A 99 -2.72 -24.21 9.14
N GLU A 100 -3.05 -25.06 8.17
CA GLU A 100 -4.23 -25.89 8.26
C GLU A 100 -4.09 -26.91 9.38
N ILE A 101 -5.22 -27.25 9.99
CA ILE A 101 -5.24 -28.22 11.08
C ILE A 101 -5.33 -29.65 10.55
N ARG A 102 -6.20 -29.90 9.58
CA ARG A 102 -6.38 -31.23 9.02
C ARG A 102 -5.08 -31.84 8.51
N HIS B 3 18.17 -9.40 -10.39
CA HIS B 3 19.63 -9.20 -10.28
C HIS B 3 20.12 -8.02 -9.45
N CYS B 4 21.05 -7.26 -10.01
CA CYS B 4 21.74 -6.17 -9.33
C CYS B 4 21.34 -4.71 -9.62
N PRO B 5 21.38 -3.83 -8.59
CA PRO B 5 20.86 -2.48 -8.84
C PRO B 5 21.84 -1.59 -9.57
N ILE B 6 21.32 -0.47 -10.07
CA ILE B 6 22.10 0.50 -10.83
C ILE B 6 21.62 1.90 -10.47
N THR B 7 22.50 2.68 -9.82
CA THR B 7 22.27 4.08 -9.44
C THR B 7 20.84 4.31 -8.95
N TYR B 8 20.39 3.40 -8.09
CA TYR B 8 19.11 3.56 -7.38
C TYR B 8 19.24 2.69 -6.13
N GLU B 9 19.84 3.28 -5.10
CA GLU B 9 20.41 2.55 -3.96
C GLU B 9 19.37 1.82 -3.13
N MSE B 53 -12.67 -1.74 -11.95
CA MSE B 53 -11.59 -0.76 -12.07
C MSE B 53 -10.38 -1.14 -11.22
O MSE B 53 -10.53 -1.46 -10.04
CB MSE B 53 -12.11 0.63 -11.69
CG MSE B 53 -11.07 1.56 -11.06
SE MSE B 53 -9.70 2.16 -12.31
CE MSE B 53 -8.91 3.61 -11.25
N SER B 54 -9.20 -1.10 -11.83
CA SER B 54 -7.93 -1.30 -11.14
C SER B 54 -6.81 -1.02 -12.13
N VAL B 55 -5.65 -0.59 -11.61
CA VAL B 55 -4.50 -0.27 -12.43
C VAL B 55 -3.28 -1.08 -12.02
N GLN B 56 -3.08 -1.31 -10.72
CA GLN B 56 -1.91 -2.05 -10.26
C GLN B 56 -1.96 -3.53 -10.58
N GLY B 57 -3.13 -4.05 -10.95
CA GLY B 57 -3.28 -5.48 -11.20
C GLY B 57 -2.78 -5.94 -12.56
N VAL B 58 -1.84 -5.20 -13.15
CA VAL B 58 -1.19 -5.61 -14.39
C VAL B 58 0.31 -5.73 -14.24
N GLN B 59 0.84 -5.56 -13.03
CA GLN B 59 2.27 -5.63 -12.76
C GLN B 59 2.53 -6.68 -11.69
N LYS B 60 3.62 -7.42 -11.84
CA LYS B 60 3.96 -8.47 -10.89
C LYS B 60 4.54 -7.90 -9.62
N LYS B 61 4.30 -8.60 -8.51
CA LYS B 61 4.83 -8.24 -7.20
C LYS B 61 5.54 -9.48 -6.66
N LEU B 62 6.82 -9.61 -6.99
CA LEU B 62 7.59 -10.80 -6.64
C LEU B 62 8.35 -10.60 -5.34
N SER B 63 8.48 -11.70 -4.59
CA SER B 63 9.28 -11.70 -3.38
C SER B 63 10.74 -12.02 -3.72
N ALA B 64 11.66 -11.41 -2.98
CA ALA B 64 13.07 -11.60 -3.25
C ALA B 64 13.88 -11.39 -1.97
N LYS B 65 14.97 -12.15 -1.87
CA LYS B 65 15.96 -11.96 -0.82
C LYS B 65 17.19 -11.27 -1.40
N LEU B 66 17.90 -10.52 -0.55
CA LEU B 66 19.14 -9.86 -0.94
C LEU B 66 20.30 -10.77 -0.57
N LYS B 67 21.02 -11.25 -1.57
CA LYS B 67 22.16 -12.13 -1.32
C LYS B 67 23.22 -11.40 -0.51
N ILE B 68 23.84 -12.14 0.41
CA ILE B 68 24.74 -11.52 1.38
C ILE B 68 26.02 -11.05 0.69
N LYS B 69 26.72 -11.97 0.02
CA LYS B 69 28.00 -11.63 -0.60
C LYS B 69 27.81 -10.92 -1.94
N GLU B 70 26.93 -11.47 -2.80
CA GLU B 70 26.82 -10.95 -4.16
C GLU B 70 26.20 -9.56 -4.22
N GLY B 71 25.35 -9.23 -3.26
CA GLY B 71 24.61 -7.98 -3.33
C GLY B 71 23.54 -7.93 -4.39
N CYS B 72 23.33 -9.00 -5.12
CA CYS B 72 22.26 -9.10 -6.11
C CYS B 72 21.00 -9.64 -5.46
N PHE B 73 19.88 -9.51 -6.17
CA PHE B 73 18.60 -10.00 -5.68
C PHE B 73 18.35 -11.42 -6.18
N GLU B 74 17.63 -12.19 -5.36
CA GLU B 74 17.23 -13.55 -5.72
C GLU B 74 15.73 -13.68 -5.48
N ILE B 75 14.97 -13.86 -6.56
CA ILE B 75 13.52 -14.02 -6.44
C ILE B 75 13.22 -15.37 -5.81
N VAL B 76 12.37 -15.35 -4.78
CA VAL B 76 11.97 -16.56 -4.07
C VAL B 76 10.46 -16.63 -4.05
N ASP B 77 9.94 -17.82 -3.73
CA ASP B 77 8.50 -18.00 -3.62
C ASP B 77 7.99 -17.53 -2.27
N GLN B 78 8.75 -17.77 -1.20
CA GLN B 78 8.35 -17.43 0.15
C GLN B 78 9.55 -16.87 0.92
N TYR B 79 9.25 -16.23 2.05
CA TYR B 79 10.26 -15.78 3.01
C TYR B 79 11.23 -14.79 2.38
N GLY B 80 10.68 -13.78 1.71
CA GLY B 80 11.46 -12.72 1.11
C GLY B 80 11.41 -11.45 1.93
N GLN B 81 12.45 -10.64 1.80
CA GLN B 81 12.55 -9.35 2.50
C GLN B 81 12.36 -8.15 1.59
N TYR B 82 12.33 -8.36 0.28
CA TYR B 82 12.15 -7.27 -0.68
C TYR B 82 10.99 -7.63 -1.61
N ILE B 83 10.46 -6.58 -2.26
CA ILE B 83 9.43 -6.75 -3.29
C ILE B 83 9.99 -6.21 -4.59
N LEU B 84 9.94 -7.02 -5.64
CA LEU B 84 10.44 -6.65 -6.96
C LEU B 84 9.27 -6.50 -7.92
N LYS B 85 9.25 -5.40 -8.66
CA LYS B 85 8.19 -5.11 -9.63
C LYS B 85 8.81 -4.95 -11.01
N PRO B 86 8.75 -5.98 -11.85
CA PRO B 86 9.33 -5.88 -13.20
C PRO B 86 8.40 -5.12 -14.14
N GLN B 87 8.81 -5.02 -15.40
CA GLN B 87 8.03 -4.29 -16.39
C GLN B 87 6.69 -4.95 -16.60
N SER B 88 5.66 -4.13 -16.85
CA SER B 88 4.33 -4.62 -17.17
C SER B 88 4.15 -4.64 -18.68
N ASP B 89 3.54 -5.71 -19.19
CA ASP B 89 3.30 -5.83 -20.62
C ASP B 89 2.05 -5.08 -21.07
N ILE B 90 1.32 -4.45 -20.16
CA ILE B 90 0.14 -3.68 -20.49
C ILE B 90 0.42 -2.18 -20.44
N TYR B 91 0.99 -1.70 -19.32
CA TYR B 91 1.31 -0.29 -19.14
C TYR B 91 2.82 -0.08 -19.12
N PRO B 92 3.32 0.98 -19.75
CA PRO B 92 4.76 1.11 -19.98
C PRO B 92 5.51 1.86 -18.89
N GLU B 93 6.75 1.42 -18.67
CA GLU B 93 7.71 2.12 -17.82
C GLU B 93 7.21 2.27 -16.38
N LEU B 94 6.50 1.25 -15.89
CA LEU B 94 6.05 1.27 -14.50
C LEU B 94 7.20 1.27 -13.51
N PRO B 95 8.24 0.42 -13.63
CA PRO B 95 9.34 0.48 -12.64
C PRO B 95 10.03 1.83 -12.58
N GLU B 96 10.36 2.42 -13.73
CA GLU B 96 11.00 3.73 -13.72
C GLU B 96 10.05 4.81 -13.22
N ASN B 97 8.75 4.64 -13.46
CA ASN B 97 7.77 5.58 -12.93
C ASN B 97 7.72 5.52 -11.40
N GLU B 98 7.57 4.31 -10.86
CA GLU B 98 7.50 4.16 -9.41
C GLU B 98 8.81 4.56 -8.74
N ALA B 99 9.94 4.42 -9.42
CA ALA B 99 11.21 4.74 -8.80
C ALA B 99 11.38 6.24 -8.61
N ILE B 100 11.08 7.03 -9.64
CA ILE B 100 11.26 8.47 -9.53
C ILE B 100 10.18 9.08 -8.65
N THR B 101 8.96 8.54 -8.71
CA THR B 101 7.88 9.07 -7.87
C THR B 101 8.18 8.83 -6.39
N MSE B 102 8.79 7.69 -6.07
CA MSE B 102 9.19 7.38 -4.70
C MSE B 102 10.23 8.36 -4.18
O MSE B 102 10.17 8.78 -3.02
CB MSE B 102 9.71 5.95 -4.63
CG MSE B 102 9.22 5.13 -3.45
SE MSE B 102 7.28 5.06 -3.27
CE MSE B 102 7.22 3.52 -2.11
N THR B 103 11.17 8.73 -5.05
CA THR B 103 12.19 9.69 -4.66
C THR B 103 11.60 11.08 -4.49
N LEU B 104 10.62 11.45 -5.32
CA LEU B 104 9.96 12.73 -5.17
C LEU B 104 9.24 12.82 -3.81
N ALA B 105 8.67 11.71 -3.36
CA ALA B 105 8.02 11.70 -2.05
C ALA B 105 9.03 11.90 -0.93
N LYS B 106 10.23 11.35 -1.08
CA LYS B 106 11.26 11.53 -0.06
C LYS B 106 11.74 12.97 -0.01
N THR B 107 11.68 13.68 -1.13
CA THR B 107 12.14 15.07 -1.16
C THR B 107 11.21 16.00 -0.39
N ILE B 108 9.90 15.72 -0.41
CA ILE B 108 8.94 16.57 0.29
C ILE B 108 8.81 16.21 1.76
N GLY B 109 9.50 15.17 2.23
CA GLY B 109 9.51 14.83 3.63
C GLY B 109 8.68 13.62 4.03
N LEU B 110 8.18 12.85 3.07
CA LEU B 110 7.41 11.66 3.39
C LEU B 110 8.34 10.50 3.72
N GLU B 111 7.89 9.68 4.66
CA GLU B 111 8.63 8.48 5.06
C GLU B 111 8.60 7.46 3.92
N VAL B 112 9.76 7.21 3.33
CA VAL B 112 9.91 6.35 2.17
C VAL B 112 10.96 5.29 2.50
N PRO B 113 10.69 4.02 2.31
CA PRO B 113 11.69 2.98 2.59
C PRO B 113 12.74 2.91 1.48
N VAL B 114 13.70 2.03 1.66
CA VAL B 114 14.76 1.82 0.68
C VAL B 114 14.14 1.26 -0.59
N HIS B 115 14.35 1.96 -1.72
CA HIS B 115 13.82 1.56 -3.00
C HIS B 115 14.87 1.82 -4.07
N GLY B 116 14.60 1.35 -5.29
CA GLY B 116 15.51 1.59 -6.38
C GLY B 116 15.13 0.82 -7.63
N LEU B 117 16.14 0.58 -8.46
CA LEU B 117 15.98 -0.10 -9.74
C LEU B 117 17.10 -1.11 -9.94
N VAL B 118 16.76 -2.26 -10.53
CA VAL B 118 17.73 -3.28 -10.89
C VAL B 118 17.58 -3.59 -12.37
N TYR B 119 18.53 -4.36 -12.90
CA TYR B 119 18.51 -4.80 -14.29
C TYR B 119 18.02 -6.25 -14.34
N SER B 120 16.91 -6.47 -15.03
CA SER B 120 16.35 -7.81 -15.19
C SER B 120 17.23 -8.63 -16.14
N LYS B 121 16.82 -9.88 -16.37
CA LYS B 121 17.57 -10.77 -17.24
C LYS B 121 17.37 -10.45 -18.72
N ASP B 122 16.26 -9.80 -19.08
CA ASP B 122 16.05 -9.30 -20.43
C ASP B 122 16.56 -7.86 -20.60
N ASN B 123 17.43 -7.41 -19.69
CA ASN B 123 18.07 -6.09 -19.76
C ASN B 123 17.05 -4.96 -19.70
N SER B 124 15.94 -5.18 -19.01
CA SER B 124 14.98 -4.13 -18.70
C SER B 124 15.11 -3.76 -17.23
N LEU B 125 14.55 -2.61 -16.88
CA LEU B 125 14.65 -2.09 -15.52
C LEU B 125 13.54 -2.65 -14.65
N THR B 126 13.87 -2.97 -13.40
CA THR B 126 12.94 -3.54 -12.45
C THR B 126 13.06 -2.79 -11.12
N TYR B 127 11.92 -2.37 -10.58
CA TYR B 127 11.88 -1.62 -9.34
C TYR B 127 11.89 -2.56 -8.13
N PHE B 128 12.62 -2.17 -7.09
CA PHE B 128 12.65 -2.94 -5.85
C PHE B 128 12.39 -2.03 -4.67
N ILE B 129 11.80 -2.61 -3.62
CA ILE B 129 11.51 -1.88 -2.39
C ILE B 129 11.75 -2.83 -1.21
N LYS B 130 12.33 -2.29 -0.14
CA LYS B 130 12.57 -3.08 1.07
C LYS B 130 11.31 -3.09 1.92
N ARG B 131 10.83 -4.29 2.24
CA ARG B 131 9.62 -4.43 3.03
C ARG B 131 9.83 -3.91 4.44
N PHE B 132 8.91 -3.09 4.92
CA PHE B 132 8.97 -2.59 6.29
C PHE B 132 8.25 -3.49 7.28
N ASP B 133 7.63 -4.58 6.82
CA ASP B 133 7.08 -5.59 7.70
C ASP B 133 8.08 -6.72 7.97
N ARG B 134 9.34 -6.55 7.55
CA ARG B 134 10.42 -7.47 7.85
C ARG B 134 11.61 -6.65 8.32
N ILE B 135 12.16 -6.98 9.48
CA ILE B 135 13.10 -6.08 10.14
C ILE B 135 14.31 -6.81 10.70
N GLY B 136 14.91 -7.69 9.90
CA GLY B 136 16.12 -8.36 10.32
C GLY B 136 15.89 -9.38 11.43
N HIS B 137 16.84 -10.30 11.61
CA HIS B 137 16.70 -11.42 12.54
C HIS B 137 15.43 -12.21 12.29
N ASN B 138 14.87 -12.10 11.07
CA ASN B 138 13.66 -12.81 10.67
C ASN B 138 12.49 -12.52 11.62
N LYS B 139 12.33 -11.24 11.95
CA LYS B 139 11.20 -10.76 12.73
C LYS B 139 10.24 -10.01 11.82
N LYS B 140 8.99 -9.93 12.27
CA LYS B 140 7.93 -9.30 11.49
C LYS B 140 7.29 -8.17 12.28
N LEU B 141 6.63 -7.27 11.56
CA LEU B 141 5.87 -6.17 12.15
C LEU B 141 4.42 -6.26 11.67
N ALA B 142 3.49 -5.91 12.56
CA ALA B 142 2.08 -5.95 12.20
C ALA B 142 1.77 -4.89 11.16
N LEU B 143 1.16 -5.32 10.06
CA LEU B 143 0.82 -4.42 8.95
C LEU B 143 -0.58 -4.76 8.48
N GLU B 144 -1.46 -3.76 8.48
CA GLU B 144 -2.85 -3.94 8.09
C GLU B 144 -3.27 -2.80 7.18
N ASP B 145 -3.83 -3.14 6.02
CA ASP B 145 -4.29 -2.10 5.11
C ASP B 145 -5.70 -1.64 5.50
N PHE B 146 -6.12 -0.53 4.87
CA PHE B 146 -7.35 0.12 5.31
C PHE B 146 -8.61 -0.63 4.87
N ALA B 147 -8.51 -1.52 3.87
CA ALA B 147 -9.67 -2.35 3.53
C ALA B 147 -9.92 -3.39 4.61
N GLN B 148 -8.85 -3.97 5.17
CA GLN B 148 -9.00 -4.89 6.29
C GLN B 148 -9.49 -4.16 7.54
N LEU B 149 -9.07 -2.91 7.73
CA LEU B 149 -9.43 -2.14 8.91
C LEU B 149 -10.83 -1.54 8.83
N SER B 150 -11.43 -1.51 7.65
CA SER B 150 -12.77 -0.93 7.47
C SER B 150 -13.79 -1.94 6.99
N GLY B 151 -13.44 -3.22 6.92
CA GLY B 151 -14.38 -4.25 6.52
C GLY B 151 -14.62 -4.36 5.04
N GLU B 152 -13.67 -3.95 4.21
CA GLU B 152 -13.76 -4.06 2.75
C GLU B 152 -12.81 -5.15 2.25
N ASP B 153 -12.89 -5.41 0.95
CA ASP B 153 -12.11 -6.49 0.34
C ASP B 153 -11.52 -5.98 -0.97
N ARG B 154 -10.97 -6.91 -1.76
CA ARG B 154 -10.34 -6.53 -3.02
C ARG B 154 -11.35 -6.01 -4.03
N HIS B 155 -12.58 -6.55 -4.02
CA HIS B 155 -13.59 -6.14 -4.98
C HIS B 155 -14.20 -4.80 -4.65
N THR B 156 -14.18 -4.38 -3.38
CA THR B 156 -14.77 -3.11 -2.96
C THR B 156 -13.72 -2.17 -2.38
N LYS B 157 -12.46 -2.33 -2.78
CA LYS B 157 -11.40 -1.47 -2.27
C LYS B 157 -11.50 -0.04 -2.80
N TYR B 158 -12.36 0.22 -3.78
CA TYR B 158 -12.62 1.57 -4.26
C TYR B 158 -13.90 2.18 -3.67
N LYS B 159 -14.74 1.36 -3.03
CA LYS B 159 -16.01 1.84 -2.49
C LYS B 159 -15.80 2.36 -1.07
N SER B 160 -15.18 3.53 -1.00
CA SER B 160 -14.92 4.22 0.26
C SER B 160 -14.80 5.71 -0.04
N SER B 161 -14.12 6.43 0.85
CA SER B 161 -13.93 7.87 0.67
C SER B 161 -12.77 8.32 1.55
N MSE B 162 -12.24 9.50 1.23
CA MSE B 162 -11.13 10.06 2.01
C MSE B 162 -11.59 10.37 3.43
O MSE B 162 -10.78 10.38 4.36
CB MSE B 162 -10.57 11.32 1.33
CG MSE B 162 -9.87 11.03 0.02
SE MSE B 162 -8.50 9.63 0.17
CE MSE B 162 -7.51 10.34 1.68
N GLU B 163 -12.89 10.62 3.60
CA GLU B 163 -13.42 10.86 4.94
C GLU B 163 -13.42 9.59 5.78
N LYS B 164 -13.66 8.43 5.15
CA LYS B 164 -13.55 7.17 5.87
C LYS B 164 -12.09 6.84 6.18
N VAL B 165 -11.16 7.28 5.33
CA VAL B 165 -9.74 7.08 5.59
C VAL B 165 -9.33 7.85 6.84
N ILE B 166 -9.91 9.04 7.05
CA ILE B 166 -9.63 9.81 8.25
C ILE B 166 -10.21 9.12 9.48
N ALA B 167 -11.38 8.50 9.34
CA ALA B 167 -12.01 7.84 10.47
C ALA B 167 -11.17 6.66 10.97
N VAL B 168 -10.55 5.91 10.05
CA VAL B 168 -9.71 4.79 10.46
C VAL B 168 -8.50 5.30 11.22
N ILE B 169 -7.90 6.41 10.76
CA ILE B 169 -6.72 6.94 11.43
C ILE B 169 -7.06 7.43 12.83
N GLU B 170 -8.22 8.07 12.98
CA GLU B 170 -8.64 8.54 14.30
C GLU B 170 -8.86 7.38 15.26
N GLN B 171 -9.31 6.24 14.75
CA GLN B 171 -9.73 5.13 15.61
C GLN B 171 -8.54 4.29 16.10
N PHE B 172 -7.50 4.15 15.28
CA PHE B 172 -6.45 3.18 15.57
C PHE B 172 -5.07 3.78 15.79
N CYS B 173 -4.77 4.95 15.23
CA CYS B 173 -3.43 5.49 15.34
C CYS B 173 -3.14 6.02 16.74
N THR B 174 -1.86 6.00 17.11
CA THR B 174 -1.45 6.45 18.44
C THR B 174 -1.53 7.97 18.56
N PHE B 175 -0.95 8.67 17.57
CA PHE B 175 -0.99 10.13 17.49
C PHE B 175 -1.78 10.51 16.24
N PRO B 176 -3.12 10.52 16.32
CA PRO B 176 -3.91 10.87 15.13
C PRO B 176 -3.64 12.27 14.60
N LYS B 177 -3.33 13.23 15.48
CA LYS B 177 -3.05 14.59 15.01
C LYS B 177 -1.78 14.63 14.18
N ILE B 178 -0.78 13.83 14.53
CA ILE B 178 0.45 13.79 13.75
C ILE B 178 0.22 13.09 12.41
N GLU B 179 -0.63 12.06 12.42
CA GLU B 179 -0.89 11.31 11.19
C GLU B 179 -1.70 12.13 10.19
N PHE B 180 -2.58 13.01 10.67
CA PHE B 180 -3.33 13.86 9.76
C PHE B 180 -2.42 14.81 9.00
N VAL B 181 -1.30 15.21 9.61
CA VAL B 181 -0.38 16.13 8.95
C VAL B 181 0.22 15.50 7.71
N LYS B 182 0.61 14.23 7.81
CA LYS B 182 1.21 13.59 6.64
C LYS B 182 0.16 13.04 5.69
N LEU B 183 -1.03 12.68 6.19
CA LEU B 183 -2.12 12.35 5.29
C LEU B 183 -2.46 13.53 4.40
N PHE B 184 -2.41 14.74 4.96
CA PHE B 184 -2.56 15.94 4.14
C PHE B 184 -1.41 16.05 3.14
N LYS B 185 -0.18 15.76 3.58
CA LYS B 185 0.96 15.82 2.67
C LYS B 185 0.90 14.69 1.65
N LEU B 186 0.50 13.49 2.09
CA LEU B 186 0.43 12.35 1.18
C LEU B 186 -0.66 12.54 0.13
N THR B 187 -1.82 13.08 0.54
CA THR B 187 -2.89 13.31 -0.42
C THR B 187 -2.54 14.42 -1.41
N LEU B 188 -1.94 15.51 -0.91
CA LEU B 188 -1.48 16.57 -1.81
C LEU B 188 -0.43 16.06 -2.78
N PHE B 189 0.52 15.26 -2.28
CA PHE B 189 1.56 14.70 -3.14
C PHE B 189 0.96 13.84 -4.25
N ASN B 190 0.05 12.94 -3.88
CA ASN B 190 -0.55 12.05 -4.87
C ASN B 190 -1.34 12.81 -5.91
N PHE B 191 -2.00 13.91 -5.52
CA PHE B 191 -2.71 14.73 -6.50
C PHE B 191 -1.74 15.44 -7.43
N LEU B 192 -0.56 15.83 -6.92
CA LEU B 192 0.37 16.59 -7.74
C LEU B 192 1.08 15.69 -8.74
N VAL B 193 1.43 14.47 -8.33
CA VAL B 193 2.12 13.53 -9.21
C VAL B 193 1.15 12.63 -9.95
N GLY B 194 -0.16 12.90 -9.89
CA GLY B 194 -1.08 12.13 -10.70
C GLY B 194 -1.29 10.70 -10.25
N ASN B 195 -1.13 10.42 -8.96
CA ASN B 195 -1.40 9.09 -8.44
C ASN B 195 -2.91 8.97 -8.19
N GLU B 196 -3.61 8.37 -9.15
CA GLU B 196 -5.05 8.21 -9.07
C GLU B 196 -5.46 6.79 -8.71
N ASP B 197 -4.57 6.02 -8.09
CA ASP B 197 -4.84 4.64 -7.72
C ASP B 197 -4.65 4.41 -6.21
N MSE B 198 -4.88 5.44 -5.41
CA MSE B 198 -4.79 5.32 -3.96
C MSE B 198 -6.08 4.77 -3.36
O MSE B 198 -6.86 5.50 -2.74
CB MSE B 198 -4.47 6.68 -3.33
CG MSE B 198 -3.02 7.12 -3.48
SE MSE B 198 -1.74 5.79 -2.82
CE MSE B 198 -1.55 6.43 -0.99
N HIS B 199 -6.31 3.47 -3.55
CA HIS B 199 -7.50 2.81 -3.01
C HIS B 199 -7.24 2.41 -1.56
N LEU B 200 -8.14 1.61 -0.99
CA LEU B 200 -8.04 1.27 0.42
C LEU B 200 -6.83 0.40 0.73
N LYS B 201 -6.43 -0.47 -0.20
CA LYS B 201 -5.31 -1.36 0.03
C LYS B 201 -3.96 -0.65 -0.12
N ASN B 202 -3.94 0.63 -0.49
CA ASN B 202 -2.71 1.39 -0.59
C ASN B 202 -2.47 2.26 0.64
N PHE B 203 -3.39 2.27 1.59
CA PHE B 203 -3.18 2.87 2.91
C PHE B 203 -3.02 1.73 3.92
N SER B 204 -2.01 1.83 4.77
CA SER B 204 -1.73 0.77 5.73
C SER B 204 -1.27 1.37 7.05
N LEU B 205 -1.65 0.69 8.14
CA LEU B 205 -1.20 1.03 9.48
C LEU B 205 -0.14 0.02 9.92
N ILE B 206 0.96 0.51 10.48
CA ILE B 206 2.05 -0.33 10.95
C ILE B 206 2.17 -0.18 12.45
N THR B 207 2.49 -1.28 13.13
CA THR B 207 2.73 -1.29 14.57
C THR B 207 4.22 -1.49 14.79
N LYS B 208 4.91 -0.41 15.14
CA LYS B 208 6.35 -0.43 15.37
C LYS B 208 6.64 0.12 16.76
N ASP B 209 7.26 -0.69 17.61
CA ASP B 209 7.58 -0.31 18.99
C ASP B 209 6.32 0.12 19.74
N ARG B 210 5.24 -0.64 19.57
CA ARG B 210 3.96 -0.42 20.22
C ARG B 210 3.36 0.95 19.89
N LYS B 211 3.81 1.55 18.79
CA LYS B 211 3.24 2.79 18.28
C LYS B 211 2.58 2.48 16.94
N ILE B 212 1.32 2.89 16.80
CA ILE B 212 0.51 2.59 15.61
C ILE B 212 0.40 3.87 14.81
N SER B 213 0.93 3.85 13.59
CA SER B 213 0.92 5.02 12.72
C SER B 213 0.79 4.55 11.27
N ILE B 214 0.65 5.52 10.37
CA ILE B 214 0.56 5.21 8.95
C ILE B 214 1.89 4.67 8.46
N SER B 215 1.85 3.56 7.72
CA SER B 215 3.05 2.90 7.26
C SER B 215 3.86 3.83 6.35
N PRO B 216 5.12 3.51 6.09
CA PRO B 216 5.87 4.23 5.06
C PRO B 216 5.20 4.11 3.70
N ALA B 217 5.63 4.97 2.79
CA ALA B 217 5.03 5.03 1.46
C ALA B 217 5.24 3.73 0.70
N TYR B 218 4.22 3.32 -0.06
CA TYR B 218 4.33 2.17 -0.94
C TYR B 218 3.31 2.31 -2.06
N ASP B 219 3.66 1.76 -3.23
CA ASP B 219 2.79 1.78 -4.41
C ASP B 219 2.44 3.21 -4.83
N LEU B 220 3.46 4.07 -4.85
CA LEU B 220 3.31 5.46 -5.25
C LEU B 220 3.91 5.64 -6.64
N LEU B 221 3.09 6.04 -7.60
CA LEU B 221 3.57 6.26 -8.97
C LEU B 221 2.57 7.13 -9.71
N ASN B 222 3.04 7.76 -10.78
CA ASN B 222 2.20 8.57 -11.64
C ASN B 222 1.39 7.64 -12.54
N SER B 223 0.24 7.20 -12.03
CA SER B 223 -0.59 6.28 -12.80
C SER B 223 -1.43 6.98 -13.86
N THR B 224 -1.48 8.31 -13.87
CA THR B 224 -2.24 9.01 -14.90
C THR B 224 -1.52 8.96 -16.25
N ILE B 225 -0.21 9.20 -16.24
CA ILE B 225 0.55 9.12 -17.49
C ILE B 225 0.77 7.68 -17.94
N ALA B 226 0.56 6.71 -17.05
CA ALA B 226 0.78 5.31 -17.43
C ALA B 226 -0.36 4.76 -18.27
N GLN B 227 -1.57 5.29 -18.12
CA GLN B 227 -2.72 4.83 -18.89
C GLN B 227 -3.10 5.88 -19.93
N LYS B 228 -4.08 5.52 -20.76
CA LYS B 228 -4.78 6.46 -21.62
C LYS B 228 -6.24 6.49 -21.22
N ASN B 229 -6.88 7.63 -21.45
CA ASN B 229 -8.26 7.86 -21.00
C ASN B 229 -8.39 7.65 -19.49
N THR B 230 -7.52 8.33 -18.74
CA THR B 230 -7.60 8.28 -17.29
C THR B 230 -8.90 8.92 -16.81
N LYS B 231 -9.64 8.19 -15.99
CA LYS B 231 -10.99 8.60 -15.63
C LYS B 231 -11.04 9.52 -14.40
N GLU B 232 -10.13 9.34 -13.45
CA GLU B 232 -10.22 10.02 -12.17
C GLU B 232 -8.88 10.65 -11.80
N GLU B 233 -8.97 11.68 -10.95
CA GLU B 233 -7.79 12.26 -10.32
C GLU B 233 -7.50 11.65 -8.96
N LEU B 234 -8.54 11.26 -8.23
CA LEU B 234 -8.42 10.59 -6.95
C LEU B 234 -9.10 9.24 -7.01
N ALA B 235 -8.54 8.26 -6.31
CA ALA B 235 -9.17 6.94 -6.29
C ALA B 235 -10.36 6.90 -5.35
N LEU B 236 -10.24 7.55 -4.18
CA LEU B 236 -11.32 7.65 -3.23
C LEU B 236 -11.85 9.06 -3.20
N PRO B 237 -13.17 9.25 -3.24
CA PRO B 237 -13.72 10.60 -3.36
C PRO B 237 -13.39 11.46 -2.14
N LEU B 238 -13.17 12.75 -2.40
CA LEU B 238 -12.98 13.75 -1.37
C LEU B 238 -14.06 14.80 -1.56
N LYS B 239 -14.86 15.04 -0.51
CA LYS B 239 -16.04 15.90 -0.60
C LYS B 239 -16.99 15.44 -1.70
N GLY B 240 -17.07 14.13 -1.91
CA GLY B 240 -17.88 13.58 -2.98
C GLY B 240 -17.34 13.82 -4.37
N LYS B 241 -16.03 14.10 -4.49
CA LYS B 241 -15.44 14.48 -5.76
C LYS B 241 -14.24 13.59 -6.05
N LYS B 242 -14.23 12.98 -7.24
CA LYS B 242 -13.06 12.25 -7.72
C LYS B 242 -12.35 12.96 -8.86
N ASN B 243 -13.00 13.94 -9.48
CA ASN B 243 -12.42 14.70 -10.58
C ASN B 243 -12.65 16.19 -10.34
N ASN B 244 -11.84 17.01 -11.03
CA ASN B 244 -11.98 18.46 -11.01
C ASN B 244 -11.90 19.00 -9.58
N LEU B 245 -11.04 18.40 -8.77
CA LEU B 245 -10.81 18.89 -7.42
C LEU B 245 -10.05 20.21 -7.46
N THR B 246 -10.37 21.09 -6.51
CA THR B 246 -9.89 22.45 -6.53
C THR B 246 -9.08 22.75 -5.27
N LYS B 247 -8.56 23.98 -5.20
CA LYS B 247 -7.75 24.39 -4.06
C LYS B 247 -8.55 24.43 -2.77
N SER B 248 -9.80 24.89 -2.83
CA SER B 248 -10.64 24.94 -1.64
C SER B 248 -11.03 23.56 -1.15
N ASP B 249 -10.98 22.54 -2.02
CA ASP B 249 -11.31 21.19 -1.60
C ASP B 249 -10.19 20.61 -0.73
N PHE B 250 -8.94 20.91 -1.06
CA PHE B 250 -7.80 20.38 -0.34
C PHE B 250 -7.42 21.24 0.86
N LEU B 251 -7.41 22.56 0.70
CA LEU B 251 -6.86 23.45 1.71
C LEU B 251 -7.90 23.94 2.71
N LYS B 252 -9.19 23.80 2.40
CA LYS B 252 -10.24 24.32 3.28
C LYS B 252 -11.13 23.21 3.82
N TYR B 253 -11.82 22.46 2.95
CA TYR B 253 -12.67 21.38 3.42
C TYR B 253 -11.84 20.25 4.01
N PHE B 254 -10.79 19.84 3.30
CA PHE B 254 -9.97 18.71 3.75
C PHE B 254 -9.07 19.12 4.92
N ALA B 255 -8.30 20.19 4.76
CA ALA B 255 -7.27 20.48 5.75
C ALA B 255 -7.86 21.08 7.02
N ILE B 256 -8.88 21.92 6.88
CA ILE B 256 -9.44 22.61 8.05
C ILE B 256 -10.62 21.84 8.64
N GLU B 257 -11.62 21.51 7.81
CA GLU B 257 -12.86 20.96 8.34
C GLU B 257 -12.74 19.49 8.73
N LYS B 258 -11.99 18.71 7.96
CA LYS B 258 -11.90 17.26 8.20
C LYS B 258 -10.67 16.87 9.01
N LEU B 259 -9.54 17.53 8.80
CA LEU B 259 -8.31 17.18 9.50
C LEU B 259 -8.04 18.03 10.73
N GLY B 260 -8.60 19.24 10.80
CA GLY B 260 -8.42 20.07 11.98
C GLY B 260 -7.07 20.73 12.11
N LEU B 261 -6.33 20.89 11.01
CA LEU B 261 -5.06 21.59 11.06
C LEU B 261 -5.29 23.09 11.08
N ASN B 262 -4.43 23.80 11.79
CA ASN B 262 -4.54 25.26 11.83
C ASN B 262 -3.97 25.86 10.54
N GLN B 263 -4.21 27.16 10.36
CA GLN B 263 -3.82 27.83 9.12
C GLN B 263 -2.30 27.89 8.97
N ASN B 264 -1.59 28.11 10.07
CA ASN B 264 -0.13 28.20 9.98
C ASN B 264 0.49 26.86 9.61
N VAL B 265 -0.11 25.75 10.03
CA VAL B 265 0.40 24.44 9.66
C VAL B 265 0.18 24.18 8.18
N ILE B 266 -1.01 24.53 7.67
CA ILE B 266 -1.30 24.35 6.25
C ILE B 266 -0.39 25.23 5.41
N ASP B 267 -0.16 26.48 5.85
CA ASP B 267 0.68 27.39 5.08
C ASP B 267 2.11 26.90 5.01
N GLY B 268 2.60 26.27 6.08
CA GLY B 268 3.96 25.75 6.08
C GLY B 268 4.12 24.56 5.16
N ILE B 269 3.09 23.72 5.07
CA ILE B 269 3.15 22.55 4.19
C ILE B 269 3.00 22.96 2.74
N VAL B 270 2.07 23.90 2.47
CA VAL B 270 1.90 24.40 1.12
C VAL B 270 3.17 25.11 0.66
N GLN B 271 3.83 25.83 1.56
CA GLN B 271 5.11 26.45 1.22
C GLN B 271 6.17 25.39 0.94
N GLU B 272 6.12 24.27 1.69
CA GLU B 272 7.06 23.18 1.44
C GLU B 272 6.95 22.66 0.01
N PHE B 273 5.72 22.52 -0.49
CA PHE B 273 5.54 22.05 -1.86
C PHE B 273 6.00 23.10 -2.88
N HIS B 274 5.96 24.38 -2.50
CA HIS B 274 6.38 25.43 -3.43
C HIS B 274 7.88 25.38 -3.69
N GLN B 275 8.68 25.18 -2.64
CA GLN B 275 10.13 25.17 -2.83
C GLN B 275 10.63 23.87 -3.46
N VAL B 276 9.80 22.83 -3.51
CA VAL B 276 10.25 21.55 -4.04
C VAL B 276 10.00 21.41 -5.54
N ILE B 277 9.21 22.31 -6.13
CA ILE B 277 8.96 22.22 -7.58
C ILE B 277 10.25 22.29 -8.39
N PRO B 278 11.20 23.20 -8.11
CA PRO B 278 12.45 23.18 -8.89
C PRO B 278 13.20 21.87 -8.80
N LYS B 279 13.35 21.33 -7.58
CA LYS B 279 14.06 20.07 -7.44
C LYS B 279 13.28 18.90 -8.05
N TRP B 280 11.94 18.97 -8.01
CA TRP B 280 11.13 17.91 -8.60
C TRP B 280 11.34 17.83 -10.11
N GLN B 281 11.38 18.99 -10.77
CA GLN B 281 11.63 18.98 -12.21
C GLN B 281 13.04 18.53 -12.55
N GLU B 282 14.00 18.83 -11.66
CA GLU B 282 15.37 18.41 -11.90
C GLU B 282 15.52 16.90 -11.74
N LEU B 283 14.86 16.32 -10.73
CA LEU B 283 14.96 14.88 -10.52
C LEU B 283 14.29 14.11 -11.66
N ILE B 284 13.16 14.61 -12.16
CA ILE B 284 12.46 13.92 -13.23
C ILE B 284 13.29 13.90 -14.50
N GLY B 285 13.91 15.03 -14.84
CA GLY B 285 14.76 15.09 -16.02
C GLY B 285 15.97 14.18 -15.94
N PHE B 286 16.42 13.84 -14.74
CA PHE B 286 17.54 12.93 -14.54
C PHE B 286 17.10 11.50 -14.29
N SER B 287 15.79 11.23 -14.27
CA SER B 287 15.29 9.90 -13.97
C SER B 287 15.56 8.95 -15.14
N PHE B 288 15.17 7.69 -14.96
CA PHE B 288 15.32 6.69 -16.00
C PHE B 288 14.09 6.59 -16.89
N LEU B 289 13.14 7.50 -16.75
CA LEU B 289 12.01 7.54 -17.67
C LEU B 289 12.48 7.99 -19.05
N SER B 290 11.78 7.50 -20.08
CA SER B 290 12.05 7.97 -21.42
C SER B 290 11.70 9.45 -21.54
N GLN B 291 12.27 10.09 -22.57
CA GLN B 291 12.01 11.51 -22.77
C GLN B 291 10.53 11.79 -22.99
N GLU B 292 9.83 10.88 -23.67
CA GLU B 292 8.40 11.06 -23.88
C GLU B 292 7.62 10.90 -22.58
N MSE B 293 8.06 9.98 -21.71
CA MSE B 293 7.41 9.77 -20.43
C MSE B 293 7.76 10.91 -19.46
O MSE B 293 6.96 11.26 -18.60
CB MSE B 293 7.83 8.42 -19.83
CG MSE B 293 6.81 7.79 -18.88
SE MSE B 293 4.94 7.94 -19.45
CE MSE B 293 4.63 6.11 -20.02
N GLN B 294 8.96 11.47 -19.61
CA GLN B 294 9.36 12.61 -18.79
C GLN B 294 8.51 13.83 -19.11
N GLU B 295 8.26 14.09 -20.40
CA GLU B 295 7.46 15.24 -20.79
C GLU B 295 6.02 15.11 -20.29
N LYS B 296 5.46 13.89 -20.35
CA LYS B 296 4.13 13.68 -19.80
C LYS B 296 4.10 13.86 -18.30
N TYR B 297 5.20 13.51 -17.61
CA TYR B 297 5.25 13.69 -16.16
C TYR B 297 5.30 15.17 -15.80
N LEU B 298 6.15 15.94 -16.48
CA LEU B 298 6.29 17.35 -16.15
C LEU B 298 5.04 18.14 -16.53
N GLU B 299 4.44 17.83 -17.68
CA GLU B 299 3.23 18.54 -18.09
C GLU B 299 2.10 18.32 -17.09
N LEU B 300 1.95 17.09 -16.60
CA LEU B 300 0.90 16.81 -15.63
C LEU B 300 1.22 17.44 -14.28
N LEU B 301 2.50 17.45 -13.89
CA LEU B 301 2.88 18.12 -12.65
C LEU B 301 2.62 19.61 -12.74
N GLU B 302 2.91 20.22 -13.89
CA GLU B 302 2.63 21.65 -14.05
C GLU B 302 1.13 21.93 -14.02
N GLN B 303 0.33 21.05 -14.63
CA GLN B 303 -1.11 21.27 -14.67
C GLN B 303 -1.72 21.22 -13.28
N ARG B 304 -1.31 20.26 -12.45
CA ARG B 304 -1.84 20.16 -11.10
C ARG B 304 -1.34 21.30 -10.22
N CYS B 305 -0.11 21.75 -10.44
CA CYS B 305 0.42 22.89 -9.68
C CYS B 305 -0.34 24.16 -10.03
N LYS B 306 -0.67 24.35 -11.31
CA LYS B 306 -1.44 25.53 -11.72
C LYS B 306 -2.85 25.51 -11.14
N ARG B 307 -3.43 24.32 -10.97
CA ARG B 307 -4.76 24.24 -10.38
C ARG B 307 -4.75 24.67 -8.92
N LEU B 308 -3.67 24.39 -8.19
CA LEU B 308 -3.53 24.78 -6.80
C LEU B 308 -2.90 26.16 -6.63
N ASN B 309 -2.78 26.93 -7.72
CA ASN B 309 -2.24 28.30 -7.69
C ASN B 309 -0.82 28.33 -7.14
N PHE B 310 0.02 27.40 -7.60
CA PHE B 310 1.41 27.35 -7.18
C PHE B 310 2.28 28.37 -7.90
N PHE B 311 1.85 28.86 -9.06
CA PHE B 311 2.67 29.76 -9.87
C PHE B 311 2.12 31.18 -9.91
N ASP B 312 1.10 31.49 -9.13
CA ASP B 312 0.57 32.84 -9.07
C ASP B 312 0.28 33.24 -7.62
CL CL C . -2.10 13.21 18.66
#